data_4W4Y
#
_entry.id   4W4Y
#
_cell.length_a   53.295
_cell.length_b   71.573
_cell.length_c   107.550
_cell.angle_alpha   90.00
_cell.angle_beta   90.00
_cell.angle_gamma   90.00
#
_symmetry.space_group_name_H-M   'P 21 21 21'
#
loop_
_entity.id
_entity.type
_entity.pdbx_description
1 polymer 'c-jun NH2-terminal kinase 3'
2 non-polymer 3-(4-{[(4-methylphenyl)carbamoyl]amino}-1H-pyrazol-1-yl)-N-(2-methylpyridin-4-yl)benzamide
3 water water
#
_entity_poly.entity_id   1
_entity_poly.type   'polypeptide(L)'
_entity_poly.pdbx_seq_one_letter_code
;MAMSKSKVDNQFYSVEVGDSTFTVLKRYQNLKPIGSGAQGIVCAAYDAVLDRNVAIKKLSRPFQNQTHAKRAYRELVLMK
CVNHKNIISLLNVFTPQKTLEEFQDVYLVMELMDANLCQVIQMELDHERMSYLLYQMLCGIKHLHSAGIIHRDLKPSNIV
VKSDCTLKILDFGLARTAGTSFMMTPYVVTRYYRAPEVILGMGYKENVDIWSVGCIMGEMVRHKILFPGRDYIDQWNKVI
EQLGTPCPEFMKKLQPTVRNYVENRPKYAGLTFPKLFPDSLFPADSEHNKLKASQARDLLSKMLVIDPAKRISVDDALQH
PYINVWYDPAEVEAPPPQIYDKQLDEREHTIEEWKELIYKEVMNSE
;
_entity_poly.pdbx_strand_id   A
#
loop_
_chem_comp.id
_chem_comp.type
_chem_comp.name
_chem_comp.formula
3HQ non-polymer 3-(4-{[(4-methylphenyl)carbamoyl]amino}-1H-pyrazol-1-yl)-N-(2-methylpyridin-4-yl)benzamide 'C24 H22 N6 O2'
#
# COMPACT_ATOMS: atom_id res chain seq x y z
N ASP A 9 -6.48 -26.86 -29.71
CA ASP A 9 -7.84 -26.64 -29.26
C ASP A 9 -7.92 -25.45 -28.25
N ASN A 10 -8.65 -25.61 -27.12
CA ASN A 10 -8.84 -24.58 -26.10
C ASN A 10 -7.50 -24.09 -25.49
N GLN A 11 -7.36 -22.76 -25.37
CA GLN A 11 -6.17 -22.07 -24.86
C GLN A 11 -6.14 -22.09 -23.33
N PHE A 12 -7.30 -22.29 -22.69
CA PHE A 12 -7.51 -22.23 -21.25
C PHE A 12 -8.03 -23.52 -20.63
N TYR A 13 -7.93 -23.62 -19.30
CA TYR A 13 -8.45 -24.74 -18.52
C TYR A 13 -8.91 -24.20 -17.19
N SER A 14 -9.88 -24.89 -16.57
CA SER A 14 -10.45 -24.48 -15.29
C SER A 14 -9.96 -25.35 -14.15
N VAL A 15 -9.80 -24.74 -12.98
CA VAL A 15 -9.33 -25.39 -11.76
C VAL A 15 -10.03 -24.77 -10.54
N GLU A 16 -10.41 -25.61 -9.56
CA GLU A 16 -11.05 -25.14 -8.34
C GLU A 16 -10.01 -24.87 -7.28
N VAL A 17 -9.82 -23.59 -6.92
CA VAL A 17 -8.87 -23.18 -5.88
C VAL A 17 -9.63 -22.53 -4.75
N GLY A 18 -9.62 -23.22 -3.59
CA GLY A 18 -10.32 -22.80 -2.40
C GLY A 18 -11.82 -22.91 -2.60
N ASP A 19 -12.44 -21.79 -2.97
CA ASP A 19 -13.88 -21.68 -3.23
C ASP A 19 -14.11 -21.29 -4.69
N SER A 20 -13.18 -20.49 -5.25
CA SER A 20 -13.20 -19.93 -6.60
C SER A 20 -12.79 -20.90 -7.72
N THR A 21 -13.22 -20.58 -8.95
CA THR A 21 -12.91 -21.29 -10.19
C THR A 21 -11.92 -20.42 -10.98
N PHE A 22 -10.70 -20.91 -11.16
CA PHE A 22 -9.69 -20.17 -11.92
C PHE A 22 -9.62 -20.78 -13.32
N THR A 23 -9.93 -19.99 -14.33
CA THR A 23 -9.90 -20.41 -15.73
C THR A 23 -8.72 -19.66 -16.32
N VAL A 24 -7.62 -20.38 -16.52
CA VAL A 24 -6.38 -19.74 -16.91
C VAL A 24 -5.77 -20.34 -18.16
N LEU A 25 -4.82 -19.59 -18.79
CA LEU A 25 -4.07 -20.04 -19.98
C LEU A 25 -3.28 -21.29 -19.59
N LYS A 26 -3.24 -22.27 -20.48
CA LYS A 26 -2.60 -23.56 -20.19
C LYS A 26 -1.11 -23.48 -19.77
N ARG A 27 -0.43 -22.34 -20.05
CA ARG A 27 0.97 -22.08 -19.65
C ARG A 27 1.10 -22.04 -18.12
N TYR A 28 0.03 -21.64 -17.40
CA TYR A 28 0.03 -21.56 -15.94
C TYR A 28 -0.40 -22.88 -15.36
N GLN A 29 0.54 -23.54 -14.64
CA GLN A 29 0.38 -24.88 -14.06
C GLN A 29 0.46 -24.83 -12.52
N ASN A 30 0.00 -25.91 -11.85
CA ASN A 30 0.04 -26.17 -10.43
C ASN A 30 -0.35 -24.95 -9.60
N LEU A 31 -1.61 -24.54 -9.73
CA LEU A 31 -2.11 -23.36 -9.02
C LEU A 31 -2.27 -23.66 -7.53
N LYS A 32 -1.91 -22.71 -6.66
CA LYS A 32 -2.00 -22.90 -5.21
C LYS A 32 -2.48 -21.62 -4.51
N PRO A 33 -3.43 -21.69 -3.54
CA PRO A 33 -3.87 -20.47 -2.86
C PRO A 33 -2.80 -19.91 -1.94
N ILE A 34 -2.57 -18.60 -2.05
CA ILE A 34 -1.62 -17.85 -1.23
C ILE A 34 -2.24 -17.61 0.16
N GLY A 35 -3.53 -17.20 0.18
CA GLY A 35 -4.35 -17.00 1.39
C GLY A 35 -4.00 -15.87 2.32
N SER A 36 -2.69 -15.76 2.68
CA SER A 36 -2.08 -14.74 3.53
C SER A 36 -0.69 -14.34 2.95
N GLY A 37 -0.66 -13.35 2.05
CA GLY A 37 -1.84 -12.60 1.63
C GLY A 37 -1.75 -11.79 0.34
N ALA A 38 -2.91 -11.53 -0.37
CA ALA A 38 -4.33 -11.93 -0.13
C ALA A 38 -4.97 -11.33 1.19
N GLN A 39 -6.33 -11.29 1.35
CA GLN A 39 -7.29 -11.91 0.44
C GLN A 39 -8.00 -10.96 -0.54
N GLY A 40 -7.62 -11.22 -1.77
CA GLY A 40 -8.18 -10.88 -3.07
C GLY A 40 -8.21 -12.28 -3.63
N ILE A 41 -8.60 -12.53 -4.88
CA ILE A 41 -8.49 -13.95 -5.25
C ILE A 41 -7.12 -14.15 -5.90
N VAL A 42 -6.10 -14.57 -5.10
CA VAL A 42 -4.71 -14.69 -5.56
C VAL A 42 -4.12 -16.12 -5.45
N CYS A 43 -3.55 -16.62 -6.58
CA CYS A 43 -2.89 -17.92 -6.67
C CYS A 43 -1.42 -17.83 -7.01
N ALA A 44 -0.63 -18.82 -6.57
CA ALA A 44 0.74 -18.98 -7.02
C ALA A 44 0.59 -19.98 -8.16
N ALA A 45 1.51 -19.94 -9.13
CA ALA A 45 1.51 -20.88 -10.26
C ALA A 45 2.86 -20.92 -10.94
N TYR A 46 3.08 -21.98 -11.72
CA TYR A 46 4.29 -22.10 -12.51
C TYR A 46 3.94 -21.65 -13.94
N ASP A 47 4.74 -20.74 -14.51
CA ASP A 47 4.57 -20.30 -15.88
C ASP A 47 5.60 -21.06 -16.76
N ALA A 48 5.10 -22.01 -17.53
CA ALA A 48 5.89 -22.89 -18.41
C ALA A 48 6.56 -22.16 -19.60
N VAL A 49 6.00 -21.02 -20.06
CA VAL A 49 6.53 -20.24 -21.19
C VAL A 49 7.76 -19.44 -20.73
N LEU A 50 7.66 -18.79 -19.55
CA LEU A 50 8.75 -18.00 -18.99
C LEU A 50 9.68 -18.78 -18.08
N ASP A 51 9.32 -20.06 -17.77
CA ASP A 51 10.07 -20.96 -16.87
C ASP A 51 10.33 -20.27 -15.52
N ARG A 52 9.28 -19.67 -14.96
CA ARG A 52 9.32 -18.97 -13.68
C ARG A 52 7.97 -19.00 -13.00
N ASN A 53 8.00 -18.83 -11.68
CA ASN A 53 6.82 -18.80 -10.83
C ASN A 53 6.20 -17.43 -10.85
N VAL A 54 4.88 -17.41 -10.88
CA VAL A 54 4.05 -16.21 -10.96
C VAL A 54 2.96 -16.25 -9.91
N ALA A 55 2.33 -15.08 -9.68
CA ALA A 55 1.17 -14.89 -8.82
C ALA A 55 0.04 -14.43 -9.79
N ILE A 56 -1.15 -15.02 -9.71
CA ILE A 56 -2.32 -14.73 -10.57
C ILE A 56 -3.50 -14.30 -9.72
N LYS A 57 -3.95 -13.08 -9.94
CA LYS A 57 -5.08 -12.48 -9.28
C LYS A 57 -6.28 -12.49 -10.24
N LYS A 58 -7.44 -12.92 -9.75
CA LYS A 58 -8.69 -12.96 -10.50
C LYS A 58 -9.59 -11.84 -10.00
N LEU A 59 -10.07 -10.98 -10.91
CA LEU A 59 -11.05 -9.94 -10.62
C LEU A 59 -12.35 -10.47 -11.18
N SER A 60 -13.27 -10.87 -10.29
CA SER A 60 -14.56 -11.45 -10.63
C SER A 60 -15.63 -10.39 -10.88
N ARG A 61 -16.13 -10.27 -12.15
CA ARG A 61 -17.15 -9.26 -12.55
C ARG A 61 -16.70 -7.85 -12.03
N PRO A 62 -15.50 -7.34 -12.42
CA PRO A 62 -15.02 -6.06 -11.84
C PRO A 62 -15.89 -4.85 -12.11
N PHE A 63 -16.79 -4.98 -13.07
CA PHE A 63 -17.73 -3.94 -13.47
C PHE A 63 -19.06 -4.06 -12.71
N GLN A 64 -19.18 -5.00 -11.74
CA GLN A 64 -20.42 -5.23 -10.94
C GLN A 64 -20.91 -3.96 -10.19
N ASN A 65 -20.00 -3.08 -9.77
CA ASN A 65 -20.34 -1.80 -9.12
C ASN A 65 -19.24 -0.78 -9.40
N GLN A 66 -19.48 0.50 -9.12
CA GLN A 66 -18.55 1.58 -9.42
C GLN A 66 -17.27 1.58 -8.59
N THR A 67 -17.32 1.02 -7.36
CA THR A 67 -16.16 0.91 -6.50
C THR A 67 -15.18 -0.08 -7.14
N HIS A 68 -15.67 -1.29 -7.44
CA HIS A 68 -14.88 -2.33 -8.09
C HIS A 68 -14.39 -1.87 -9.46
N ALA A 69 -15.28 -1.23 -10.26
CA ALA A 69 -14.98 -0.80 -11.64
C ALA A 69 -13.93 0.25 -11.76
N LYS A 70 -14.06 1.38 -11.01
CA LYS A 70 -13.11 2.50 -10.96
C LYS A 70 -11.76 1.98 -10.61
N ARG A 71 -11.67 1.17 -9.52
CA ARG A 71 -10.41 0.59 -9.05
C ARG A 71 -9.76 -0.30 -10.11
N ALA A 72 -10.50 -1.28 -10.63
CA ALA A 72 -10.05 -2.23 -11.64
C ALA A 72 -9.49 -1.49 -12.85
N TYR A 73 -10.30 -0.55 -13.42
CA TYR A 73 -9.92 0.25 -14.58
C TYR A 73 -8.66 1.08 -14.31
N ARG A 74 -8.67 1.87 -13.22
CA ARG A 74 -7.55 2.71 -12.79
C ARG A 74 -6.28 1.90 -12.59
N GLU A 75 -6.38 0.73 -11.93
CA GLU A 75 -5.19 -0.07 -11.67
C GLU A 75 -4.71 -0.83 -12.88
N LEU A 76 -5.59 -1.10 -13.85
CA LEU A 76 -5.21 -1.76 -15.10
C LEU A 76 -4.46 -0.77 -16.01
N VAL A 77 -4.92 0.49 -16.05
CA VAL A 77 -4.35 1.60 -16.81
C VAL A 77 -2.98 1.97 -16.22
N LEU A 78 -2.92 2.12 -14.88
CA LEU A 78 -1.67 2.49 -14.19
C LEU A 78 -0.62 1.40 -14.20
N MET A 79 -0.99 0.11 -14.02
CA MET A 79 -0.02 -1.00 -14.05
C MET A 79 0.75 -1.09 -15.38
N LYS A 80 0.19 -0.51 -16.45
CA LYS A 80 0.82 -0.45 -17.77
C LYS A 80 1.83 0.69 -17.85
N CYS A 81 1.43 1.95 -17.57
CA CYS A 81 2.29 3.13 -17.71
C CYS A 81 3.18 3.47 -16.47
N VAL A 82 3.28 2.57 -15.47
CA VAL A 82 4.16 2.81 -14.30
C VAL A 82 5.29 1.77 -14.30
N ASN A 83 6.53 2.24 -14.35
CA ASN A 83 7.68 1.32 -14.38
C ASN A 83 8.70 1.62 -13.28
N HIS A 84 8.75 0.76 -12.24
CA HIS A 84 9.70 0.88 -11.13
C HIS A 84 9.88 -0.46 -10.42
N LYS A 85 11.14 -0.77 -10.02
CA LYS A 85 11.50 -2.02 -9.34
C LYS A 85 10.77 -2.22 -8.01
N ASN A 86 10.26 -1.15 -7.39
CA ASN A 86 9.52 -1.23 -6.12
C ASN A 86 7.99 -1.10 -6.30
N ILE A 87 7.52 -1.11 -7.53
CA ILE A 87 6.09 -1.05 -7.83
C ILE A 87 5.77 -2.33 -8.59
N ILE A 88 4.61 -2.95 -8.31
CA ILE A 88 4.09 -4.14 -9.00
C ILE A 88 4.25 -3.97 -10.52
N SER A 89 4.90 -4.95 -11.18
CA SER A 89 5.00 -4.96 -12.63
C SER A 89 4.16 -6.11 -13.17
N LEU A 90 3.29 -5.81 -14.13
CA LEU A 90 2.38 -6.76 -14.75
C LEU A 90 3.08 -7.58 -15.86
N LEU A 91 3.06 -8.92 -15.72
CA LEU A 91 3.66 -9.84 -16.68
C LEU A 91 2.65 -10.19 -17.78
N ASN A 92 1.38 -10.40 -17.40
CA ASN A 92 0.31 -10.77 -18.32
C ASN A 92 -1.04 -10.33 -17.78
N VAL A 93 -2.00 -10.09 -18.69
CA VAL A 93 -3.42 -9.75 -18.48
C VAL A 93 -4.20 -10.59 -19.46
N PHE A 94 -5.32 -11.19 -19.00
CA PHE A 94 -6.19 -12.00 -19.85
C PHE A 94 -7.58 -12.19 -19.29
N THR A 95 -8.51 -12.51 -20.16
CA THR A 95 -9.87 -12.93 -19.84
C THR A 95 -10.11 -14.25 -20.60
N PRO A 96 -10.73 -15.28 -19.96
CA PRO A 96 -11.03 -16.51 -20.69
C PRO A 96 -12.19 -16.38 -21.67
N GLN A 97 -13.03 -15.31 -21.51
CA GLN A 97 -14.20 -15.03 -22.33
C GLN A 97 -13.83 -14.43 -23.68
N LYS A 98 -14.57 -14.84 -24.74
CA LYS A 98 -14.30 -14.52 -26.14
C LYS A 98 -14.84 -13.18 -26.62
N THR A 99 -15.94 -12.70 -26.04
CA THR A 99 -16.58 -11.47 -26.52
C THR A 99 -16.83 -10.49 -25.38
N LEU A 100 -17.20 -9.23 -25.74
CA LEU A 100 -17.53 -8.18 -24.79
C LEU A 100 -18.75 -8.61 -23.98
N GLU A 101 -19.77 -9.17 -24.66
CA GLU A 101 -21.03 -9.64 -24.08
C GLU A 101 -20.81 -10.82 -23.13
N GLU A 102 -19.88 -11.70 -23.47
CA GLU A 102 -19.57 -12.87 -22.65
C GLU A 102 -18.62 -12.58 -21.50
N PHE A 103 -17.92 -11.43 -21.57
CA PHE A 103 -16.91 -10.98 -20.61
C PHE A 103 -17.37 -10.98 -19.14
N GLN A 104 -16.58 -11.64 -18.27
CA GLN A 104 -16.88 -11.74 -16.84
C GLN A 104 -15.69 -11.38 -15.95
N ASP A 105 -14.60 -12.15 -16.08
CA ASP A 105 -13.45 -12.05 -15.22
C ASP A 105 -12.18 -11.63 -15.91
N VAL A 106 -11.31 -10.91 -15.17
CA VAL A 106 -9.99 -10.43 -15.59
C VAL A 106 -8.95 -11.13 -14.72
N TYR A 107 -7.86 -11.61 -15.36
CA TYR A 107 -6.73 -12.22 -14.65
C TYR A 107 -5.51 -11.38 -14.84
N LEU A 108 -4.78 -11.17 -13.72
CA LEU A 108 -3.61 -10.33 -13.68
C LEU A 108 -2.47 -11.17 -13.20
N VAL A 109 -1.41 -11.20 -14.00
CA VAL A 109 -0.24 -12.01 -13.67
C VAL A 109 0.93 -11.11 -13.31
N MET A 110 1.63 -11.47 -12.24
CA MET A 110 2.83 -10.77 -11.75
C MET A 110 3.83 -11.81 -11.24
N GLU A 111 5.04 -11.38 -10.94
CA GLU A 111 6.12 -12.18 -10.36
C GLU A 111 5.67 -12.64 -8.97
N LEU A 112 5.93 -13.89 -8.64
CA LEU A 112 5.56 -14.44 -7.34
C LEU A 112 6.58 -13.97 -6.30
N MET A 113 6.08 -13.32 -5.24
CA MET A 113 6.86 -12.86 -4.12
C MET A 113 6.75 -13.93 -3.02
N ASP A 114 7.39 -13.73 -1.86
CA ASP A 114 7.39 -14.77 -0.83
C ASP A 114 6.50 -14.50 0.37
N ALA A 115 6.12 -13.24 0.59
CA ALA A 115 5.33 -12.84 1.78
C ALA A 115 4.77 -11.47 1.59
N ASN A 116 3.75 -11.13 2.39
CA ASN A 116 3.27 -9.76 2.44
C ASN A 116 4.03 -9.08 3.64
N LEU A 117 3.98 -7.76 3.73
CA LEU A 117 4.72 -7.01 4.74
C LEU A 117 4.25 -7.28 6.21
N CYS A 118 2.99 -7.74 6.42
CA CYS A 118 2.46 -8.06 7.76
C CYS A 118 3.25 -9.22 8.38
N GLN A 119 3.64 -10.20 7.54
CA GLN A 119 4.41 -11.37 7.96
C GLN A 119 5.80 -10.92 8.41
N VAL A 120 6.42 -10.02 7.66
CA VAL A 120 7.73 -9.44 7.94
C VAL A 120 7.67 -8.59 9.24
N ILE A 121 6.55 -7.86 9.47
CA ILE A 121 6.29 -7.01 10.66
C ILE A 121 6.35 -7.82 11.96
N GLN A 122 5.82 -9.04 11.93
CA GLN A 122 5.80 -9.97 13.06
C GLN A 122 7.21 -10.36 13.47
N MET A 123 8.15 -10.37 12.52
CA MET A 123 9.54 -10.75 12.74
C MET A 123 10.33 -9.72 13.52
N GLU A 124 11.35 -10.19 14.22
CA GLU A 124 12.32 -9.32 14.88
C GLU A 124 13.32 -9.08 13.75
N LEU A 125 13.46 -7.82 13.31
CA LEU A 125 14.33 -7.49 12.19
C LEU A 125 15.50 -6.62 12.59
N ASP A 126 16.66 -6.86 11.94
CA ASP A 126 17.84 -6.04 12.17
C ASP A 126 17.64 -4.66 11.51
N HIS A 127 18.58 -3.73 11.77
CA HIS A 127 18.54 -2.38 11.23
C HIS A 127 18.80 -2.38 9.72
N GLU A 128 19.59 -3.37 9.24
CA GLU A 128 19.90 -3.53 7.82
C GLU A 128 18.63 -3.80 7.02
N ARG A 129 17.81 -4.76 7.47
CA ARG A 129 16.57 -5.16 6.84
C ARG A 129 15.50 -4.11 7.02
N MET A 130 15.38 -3.52 8.23
CA MET A 130 14.42 -2.47 8.50
C MET A 130 14.64 -1.25 7.59
N SER A 131 15.87 -0.68 7.56
CA SER A 131 16.16 0.48 6.71
C SER A 131 16.10 0.18 5.20
N TYR A 132 16.36 -1.09 4.80
CA TYR A 132 16.33 -1.48 3.39
C TYR A 132 14.89 -1.52 2.90
N LEU A 133 13.99 -2.14 3.68
CA LEU A 133 12.57 -2.18 3.39
C LEU A 133 12.00 -0.76 3.30
N LEU A 134 12.35 0.11 4.29
CA LEU A 134 11.87 1.50 4.32
C LEU A 134 12.41 2.30 3.16
N TYR A 135 13.69 2.10 2.78
CA TYR A 135 14.29 2.76 1.62
C TYR A 135 13.51 2.41 0.35
N GLN A 136 13.12 1.13 0.22
CA GLN A 136 12.37 0.65 -0.94
C GLN A 136 10.98 1.21 -1.02
N MET A 137 10.29 1.29 0.14
CA MET A 137 8.96 1.89 0.26
C MET A 137 9.02 3.34 -0.16
N LEU A 138 10.07 4.04 0.30
CA LEU A 138 10.28 5.45 -0.01
C LEU A 138 10.57 5.70 -1.49
N CYS A 139 11.33 4.79 -2.14
CA CYS A 139 11.67 4.81 -3.57
C CYS A 139 10.41 4.63 -4.41
N GLY A 140 9.59 3.65 -4.03
CA GLY A 140 8.32 3.36 -4.70
C GLY A 140 7.35 4.51 -4.59
N ILE A 141 7.23 5.09 -3.39
CA ILE A 141 6.38 6.25 -3.12
C ILE A 141 6.87 7.49 -3.91
N LYS A 142 8.20 7.69 -4.00
CA LYS A 142 8.80 8.81 -4.76
C LYS A 142 8.51 8.68 -6.24
N HIS A 143 8.58 7.45 -6.78
CA HIS A 143 8.29 7.15 -8.18
C HIS A 143 6.81 7.42 -8.49
N LEU A 144 5.90 6.97 -7.61
CA LEU A 144 4.46 7.18 -7.75
C LEU A 144 4.16 8.69 -7.76
N HIS A 145 4.75 9.44 -6.82
CA HIS A 145 4.58 10.89 -6.69
C HIS A 145 5.02 11.66 -7.92
N SER A 146 6.17 11.24 -8.51
CA SER A 146 6.76 11.85 -9.71
C SER A 146 5.83 11.69 -10.92
N ALA A 147 4.98 10.65 -10.91
CA ALA A 147 3.99 10.36 -11.94
C ALA A 147 2.58 10.91 -11.55
N GLY A 148 2.55 11.84 -10.60
CA GLY A 148 1.31 12.45 -10.11
C GLY A 148 0.38 11.53 -9.36
N ILE A 149 0.91 10.43 -8.80
CA ILE A 149 0.13 9.46 -8.03
C ILE A 149 0.45 9.63 -6.54
N ILE A 150 -0.51 10.12 -5.78
CA ILE A 150 -0.37 10.24 -4.33
C ILE A 150 -1.31 9.17 -3.80
N HIS A 151 -0.71 8.11 -3.23
CA HIS A 151 -1.36 6.88 -2.77
C HIS A 151 -2.50 7.10 -1.79
N ARG A 152 -2.19 7.60 -0.56
CA ARG A 152 -3.13 7.90 0.54
C ARG A 152 -3.68 6.68 1.27
N ASP A 153 -3.42 5.46 0.77
CA ASP A 153 -3.90 4.25 1.45
C ASP A 153 -2.86 3.13 1.50
N LEU A 154 -1.60 3.50 1.70
CA LEU A 154 -0.51 2.55 1.78
C LEU A 154 -0.59 1.76 3.10
N LYS A 155 -0.59 0.42 3.01
CA LYS A 155 -0.70 -0.47 4.16
C LYS A 155 0.11 -1.76 3.91
N PRO A 156 0.52 -2.49 4.99
CA PRO A 156 1.37 -3.66 4.81
C PRO A 156 0.77 -4.83 4.00
N SER A 157 -0.56 -4.99 4.00
CA SER A 157 -1.23 -6.08 3.27
C SER A 157 -1.08 -5.94 1.75
N ASN A 158 -0.91 -4.71 1.24
CA ASN A 158 -0.73 -4.45 -0.19
C ASN A 158 0.75 -4.17 -0.55
N ILE A 159 1.66 -4.59 0.32
CA ILE A 159 3.11 -4.55 0.16
C ILE A 159 3.65 -6.01 0.29
N VAL A 160 4.48 -6.42 -0.68
CA VAL A 160 5.03 -7.77 -0.76
C VAL A 160 6.52 -7.78 -0.81
N VAL A 161 7.10 -8.81 -0.20
CA VAL A 161 8.55 -8.94 -0.14
C VAL A 161 9.00 -10.32 -0.65
N LYS A 162 10.24 -10.38 -1.07
CA LYS A 162 10.94 -11.58 -1.47
C LYS A 162 11.95 -11.88 -0.34
N SER A 163 12.49 -13.12 -0.29
CA SER A 163 13.47 -13.59 0.72
C SER A 163 14.77 -12.80 0.70
N ASP A 164 15.13 -12.24 -0.47
CA ASP A 164 16.33 -11.41 -0.66
C ASP A 164 16.08 -9.95 -0.17
N CYS A 165 14.94 -9.72 0.51
CA CYS A 165 14.52 -8.45 1.11
C CYS A 165 13.95 -7.41 0.10
N THR A 166 13.82 -7.78 -1.18
CA THR A 166 13.27 -6.87 -2.20
C THR A 166 11.78 -6.68 -1.97
N LEU A 167 11.31 -5.47 -2.21
CA LEU A 167 9.97 -5.04 -1.89
C LEU A 167 9.24 -4.44 -3.08
N LYS A 168 7.92 -4.67 -3.17
CA LYS A 168 7.04 -4.09 -4.16
C LYS A 168 5.72 -3.60 -3.56
N ILE A 169 5.25 -2.43 -4.01
CA ILE A 169 3.95 -1.90 -3.63
C ILE A 169 2.97 -2.46 -4.68
N LEU A 170 1.85 -3.07 -4.23
CA LEU A 170 0.87 -3.74 -5.12
C LEU A 170 -0.22 -2.89 -5.73
N ASP A 171 -0.61 -1.79 -5.07
CA ASP A 171 -1.74 -1.00 -5.55
C ASP A 171 -1.38 0.48 -5.72
N PHE A 172 -2.36 1.27 -6.14
CA PHE A 172 -2.15 2.69 -6.44
C PHE A 172 -3.02 3.61 -5.57
N GLY A 173 -3.61 3.04 -4.53
CA GLY A 173 -4.39 3.76 -3.55
C GLY A 173 -5.74 4.30 -3.94
N LEU A 174 -6.17 5.33 -3.19
CA LEU A 174 -7.46 6.02 -3.27
C LEU A 174 -7.66 6.76 -4.60
N ALA A 175 -8.90 6.81 -5.06
CA ALA A 175 -9.30 7.48 -6.31
C ALA A 175 -9.11 9.01 -6.21
N ARG A 176 -8.37 9.60 -7.17
CA ARG A 176 -8.08 11.04 -7.24
C ARG A 176 -9.30 11.75 -7.82
N THR A 177 -9.61 12.98 -7.32
CA THR A 177 -10.78 13.82 -7.69
C THR A 177 -12.08 12.99 -7.54
N ALA A 178 -12.09 12.15 -6.48
CA ALA A 178 -13.13 11.21 -6.05
C ALA A 178 -12.84 10.87 -4.55
N GLY A 179 -13.81 10.34 -3.78
CA GLY A 179 -15.16 9.95 -4.19
C GLY A 179 -15.33 8.46 -3.94
N THR A 180 -15.80 8.10 -2.73
CA THR A 180 -16.01 6.70 -2.30
C THR A 180 -17.46 6.25 -2.51
N SER A 181 -17.71 4.92 -2.53
CA SER A 181 -19.05 4.38 -2.74
C SER A 181 -19.36 3.13 -1.87
N PHE A 182 -20.67 2.82 -1.74
CA PHE A 182 -21.24 1.71 -0.95
C PHE A 182 -20.77 0.33 -1.41
N MET A 183 -20.59 -0.59 -0.43
CA MET A 183 -20.19 -1.99 -0.67
C MET A 183 -21.11 -2.99 0.05
N MET A 184 -21.81 -3.84 -0.72
CA MET A 184 -22.71 -4.88 -0.21
C MET A 184 -21.92 -6.19 -0.15
N THR A 185 -20.78 -6.19 0.59
CA THR A 185 -19.87 -7.33 0.68
C THR A 185 -19.36 -7.55 2.12
N PRO A 186 -19.05 -8.81 2.52
CA PRO A 186 -18.55 -9.04 3.87
C PRO A 186 -17.01 -8.95 3.98
N TYR A 187 -16.46 -7.73 3.78
CA TYR A 187 -15.02 -7.47 3.94
C TYR A 187 -14.77 -6.16 4.67
N VAL A 188 -13.70 -6.12 5.48
CA VAL A 188 -13.32 -4.94 6.27
C VAL A 188 -12.17 -4.15 5.64
N VAL A 189 -12.31 -2.81 5.61
CA VAL A 189 -11.31 -1.87 5.09
C VAL A 189 -10.36 -1.49 6.25
N THR A 190 -9.03 -1.66 6.03
CA THR A 190 -7.99 -1.29 7.00
C THR A 190 -7.70 0.20 6.86
N ARG A 191 -7.95 0.97 7.93
CA ARG A 191 -7.80 2.43 7.96
C ARG A 191 -6.67 2.93 8.89
N TYR A 192 -6.01 2.05 9.65
CA TYR A 192 -5.02 2.41 10.68
C TYR A 192 -3.74 3.10 10.22
N TYR A 193 -3.40 3.03 8.91
CA TYR A 193 -2.19 3.59 8.30
C TYR A 193 -2.51 4.92 7.58
N ARG A 194 -3.80 5.32 7.60
CA ARG A 194 -4.27 6.56 6.99
C ARG A 194 -3.84 7.79 7.77
N ALA A 195 -3.49 8.84 7.03
CA ALA A 195 -2.98 10.08 7.57
C ALA A 195 -4.07 10.93 8.22
N PRO A 196 -3.75 11.76 9.24
CA PRO A 196 -4.78 12.63 9.84
C PRO A 196 -5.61 13.42 8.82
N GLU A 197 -4.96 13.91 7.75
CA GLU A 197 -5.61 14.62 6.65
C GLU A 197 -6.65 13.76 5.97
N VAL A 198 -6.37 12.44 5.84
CA VAL A 198 -7.32 11.48 5.27
C VAL A 198 -8.42 11.22 6.30
N ILE A 199 -8.05 11.02 7.59
CA ILE A 199 -9.03 10.80 8.67
C ILE A 199 -10.04 11.96 8.79
N LEU A 200 -9.52 13.19 8.80
CA LEU A 200 -10.28 14.42 8.99
C LEU A 200 -10.67 15.18 7.68
N GLY A 201 -10.57 14.52 6.52
CA GLY A 201 -10.92 15.05 5.21
C GLY A 201 -10.41 16.45 4.96
N MET A 202 -9.09 16.64 5.03
CA MET A 202 -8.42 17.94 4.97
C MET A 202 -7.88 18.49 3.66
N GLY A 203 -7.47 17.63 2.76
CA GLY A 203 -6.70 18.08 1.60
C GLY A 203 -5.27 17.68 1.90
N TYR A 204 -4.49 17.39 0.86
CA TYR A 204 -3.19 16.80 1.08
C TYR A 204 -2.15 17.11 0.01
N LYS A 205 -0.90 16.75 0.33
CA LYS A 205 0.26 16.79 -0.54
C LYS A 205 0.94 15.38 -0.53
N GLU A 206 2.07 15.27 -1.23
CA GLU A 206 2.88 14.06 -1.33
C GLU A 206 3.21 13.39 0.03
N ASN A 207 3.60 14.17 1.06
CA ASN A 207 3.98 13.62 2.38
C ASN A 207 2.79 13.02 3.19
N VAL A 208 1.62 12.85 2.55
CA VAL A 208 0.45 12.18 3.15
C VAL A 208 0.82 10.68 3.38
N ASP A 209 1.68 10.14 2.49
CA ASP A 209 2.16 8.77 2.48
C ASP A 209 3.26 8.51 3.53
N ILE A 210 3.98 9.57 3.95
CA ILE A 210 5.03 9.47 4.97
C ILE A 210 4.42 8.99 6.29
N TRP A 211 3.18 9.45 6.59
CA TRP A 211 2.46 9.03 7.78
C TRP A 211 2.28 7.50 7.77
N SER A 212 1.89 6.94 6.60
CA SER A 212 1.67 5.50 6.41
C SER A 212 2.94 4.73 6.65
N VAL A 213 4.09 5.25 6.14
CA VAL A 213 5.43 4.68 6.34
C VAL A 213 5.78 4.72 7.84
N GLY A 214 5.47 5.83 8.50
CA GLY A 214 5.71 6.02 9.94
C GLY A 214 4.95 4.99 10.77
N CYS A 215 3.72 4.69 10.36
CA CYS A 215 2.84 3.74 10.99
C CYS A 215 3.39 2.34 10.81
N ILE A 216 3.96 2.05 9.64
CA ILE A 216 4.51 0.74 9.32
C ILE A 216 5.81 0.53 10.10
N MET A 217 6.70 1.55 10.05
CA MET A 217 7.98 1.54 10.74
C MET A 217 7.79 1.37 12.24
N GLY A 218 6.88 2.14 12.82
CA GLY A 218 6.56 2.09 14.24
C GLY A 218 6.08 0.71 14.64
N GLU A 219 5.21 0.12 13.83
CA GLU A 219 4.70 -1.25 14.01
C GLU A 219 5.80 -2.32 13.86
N MET A 220 6.81 -2.09 12.98
CA MET A 220 7.96 -3.03 12.83
C MET A 220 8.73 -3.08 14.16
N VAL A 221 8.78 -1.94 14.86
CA VAL A 221 9.47 -1.70 16.13
C VAL A 221 8.60 -2.19 17.33
N ARG A 222 7.36 -1.69 17.46
CA ARG A 222 6.42 -1.96 18.55
C ARG A 222 5.71 -3.34 18.47
N HIS A 223 5.57 -3.93 17.28
CA HIS A 223 4.89 -5.22 17.00
C HIS A 223 3.39 -5.19 17.37
N LYS A 224 2.79 -4.00 17.27
CA LYS A 224 1.39 -3.71 17.53
C LYS A 224 0.98 -2.53 16.64
N ILE A 225 -0.27 -2.56 16.12
CA ILE A 225 -0.84 -1.48 15.30
C ILE A 225 -0.84 -0.19 16.16
N LEU A 226 -0.17 0.85 15.67
CA LEU A 226 -0.03 2.14 16.36
C LEU A 226 -1.36 2.83 16.61
N PHE A 227 -2.21 2.96 15.56
CA PHE A 227 -3.46 3.69 15.70
C PHE A 227 -4.69 2.84 15.34
N PRO A 228 -5.11 1.89 16.23
CA PRO A 228 -6.27 1.05 15.90
C PRO A 228 -7.62 1.71 16.17
N GLY A 229 -8.71 1.01 15.87
CA GLY A 229 -10.05 1.51 16.15
C GLY A 229 -11.15 1.04 15.21
N ARG A 230 -12.41 1.08 15.70
CA ARG A 230 -13.62 0.72 14.98
C ARG A 230 -13.74 1.58 13.74
N ASP A 231 -13.62 2.91 13.91
CA ASP A 231 -13.60 3.87 12.80
C ASP A 231 -12.74 5.08 13.19
N TYR A 232 -12.82 6.19 12.44
CA TYR A 232 -12.03 7.40 12.67
C TYR A 232 -12.21 8.07 14.05
N ILE A 233 -13.30 7.76 14.78
CA ILE A 233 -13.54 8.33 16.11
C ILE A 233 -12.45 7.76 17.05
N ASP A 234 -12.49 6.42 17.30
CA ASP A 234 -11.54 5.65 18.11
C ASP A 234 -10.11 5.86 17.62
N GLN A 235 -9.88 5.81 16.28
CA GLN A 235 -8.58 5.94 15.61
C GLN A 235 -7.90 7.26 15.91
N TRP A 236 -8.65 8.38 15.79
CA TRP A 236 -8.15 9.74 16.06
C TRP A 236 -7.82 9.89 17.54
N ASN A 237 -8.59 9.18 18.41
CA ASN A 237 -8.35 9.16 19.85
C ASN A 237 -7.00 8.50 20.13
N LYS A 238 -6.67 7.41 19.40
CA LYS A 238 -5.39 6.71 19.51
C LYS A 238 -4.22 7.59 19.07
N VAL A 239 -4.45 8.47 18.08
CA VAL A 239 -3.44 9.38 17.54
C VAL A 239 -3.08 10.47 18.57
N ILE A 240 -4.10 11.12 19.15
CA ILE A 240 -3.92 12.22 20.09
C ILE A 240 -3.46 11.76 21.48
N GLU A 241 -3.88 10.57 21.95
CA GLU A 241 -3.47 9.98 23.23
C GLU A 241 -1.95 9.83 23.29
N GLN A 242 -1.37 9.40 22.15
CA GLN A 242 0.03 9.08 21.94
C GLN A 242 0.89 10.26 21.47
N LEU A 243 0.46 10.99 20.43
CA LEU A 243 1.26 12.10 19.89
C LEU A 243 0.92 13.48 20.50
N GLY A 244 -0.21 13.57 21.19
CA GLY A 244 -0.70 14.80 21.78
C GLY A 244 -1.58 15.56 20.81
N THR A 245 -2.42 16.46 21.35
CA THR A 245 -3.29 17.31 20.56
C THR A 245 -2.43 18.22 19.66
N PRO A 246 -2.74 18.35 18.34
CA PRO A 246 -1.91 19.22 17.49
C PRO A 246 -1.99 20.72 17.85
N CYS A 247 -1.01 21.52 17.38
CA CYS A 247 -0.89 22.96 17.60
C CYS A 247 -2.02 23.78 16.91
N PRO A 248 -2.30 25.06 17.34
CA PRO A 248 -3.39 25.84 16.71
C PRO A 248 -3.30 26.08 15.20
N GLU A 249 -2.07 26.26 14.63
CA GLU A 249 -1.88 26.52 13.19
C GLU A 249 -2.38 25.37 12.31
N PHE A 250 -2.31 24.13 12.83
CA PHE A 250 -2.81 22.95 12.13
C PHE A 250 -4.33 22.99 12.12
N MET A 251 -4.93 23.18 13.30
CA MET A 251 -6.38 23.18 13.53
C MET A 251 -7.10 24.30 12.77
N LYS A 252 -6.38 25.39 12.39
CA LYS A 252 -6.90 26.50 11.57
C LYS A 252 -7.17 26.02 10.14
N LYS A 253 -6.42 25.01 9.66
CA LYS A 253 -6.55 24.46 8.31
C LYS A 253 -7.66 23.37 8.22
N LEU A 254 -8.44 23.20 9.31
CA LEU A 254 -9.56 22.23 9.35
C LEU A 254 -10.87 22.93 8.94
N GLN A 255 -11.81 22.19 8.31
CA GLN A 255 -13.16 22.65 7.95
C GLN A 255 -13.83 23.12 9.24
N PRO A 256 -14.82 24.04 9.24
CA PRO A 256 -15.39 24.50 10.53
C PRO A 256 -15.94 23.37 11.40
N THR A 257 -16.77 22.50 10.83
CA THR A 257 -17.40 21.37 11.51
C THR A 257 -16.38 20.40 12.13
N VAL A 258 -15.34 20.00 11.37
CA VAL A 258 -14.25 19.10 11.78
C VAL A 258 -13.41 19.74 12.90
N ARG A 259 -13.10 21.06 12.75
CA ARG A 259 -12.34 21.86 13.71
C ARG A 259 -13.04 21.83 15.08
N ASN A 260 -14.38 21.95 15.09
CA ASN A 260 -15.19 21.95 16.31
C ASN A 260 -15.02 20.65 17.11
N TYR A 261 -15.20 19.50 16.42
CA TYR A 261 -15.07 18.16 17.01
C TYR A 261 -13.67 17.92 17.56
N VAL A 262 -12.64 18.26 16.77
CA VAL A 262 -11.21 18.09 17.10
C VAL A 262 -10.83 18.90 18.33
N GLU A 263 -11.25 20.18 18.38
CA GLU A 263 -10.93 21.05 19.52
C GLU A 263 -11.77 20.71 20.76
N ASN A 264 -13.00 20.18 20.57
CA ASN A 264 -13.87 19.83 21.69
C ASN A 264 -13.55 18.45 22.30
N ARG A 265 -12.65 17.70 21.65
CA ARG A 265 -12.14 16.44 22.16
C ARG A 265 -11.17 16.79 23.32
N PRO A 266 -11.09 15.98 24.42
CA PRO A 266 -10.15 16.30 25.51
C PRO A 266 -8.70 16.42 25.02
N LYS A 267 -7.98 17.40 25.59
CA LYS A 267 -6.59 17.72 25.23
C LYS A 267 -5.60 16.80 25.92
N TYR A 268 -4.63 16.26 25.15
CA TYR A 268 -3.56 15.39 25.64
C TYR A 268 -2.23 16.07 25.41
N ALA A 269 -1.29 15.90 26.37
CA ALA A 269 0.05 16.46 26.32
C ALA A 269 0.88 15.80 25.22
N GLY A 270 0.81 14.48 25.15
CA GLY A 270 1.57 13.70 24.20
C GLY A 270 2.78 13.03 24.82
N LEU A 271 2.97 11.75 24.49
CA LEU A 271 4.08 10.92 24.94
C LEU A 271 5.29 11.28 24.09
N THR A 272 6.49 11.24 24.68
CA THR A 272 7.72 11.52 23.94
C THR A 272 8.04 10.31 23.09
N PHE A 273 8.89 10.46 22.06
CA PHE A 273 9.28 9.34 21.21
C PHE A 273 10.12 8.29 21.95
N PRO A 274 11.01 8.62 22.93
CA PRO A 274 11.65 7.56 23.71
C PRO A 274 10.62 6.78 24.55
N LYS A 275 9.55 7.42 24.96
CA LYS A 275 8.48 6.78 25.74
C LYS A 275 7.59 5.92 24.80
N LEU A 276 7.27 6.45 23.59
CA LEU A 276 6.47 5.76 22.56
C LEU A 276 7.17 4.54 22.00
N PHE A 277 8.53 4.62 21.86
CA PHE A 277 9.39 3.57 21.31
C PHE A 277 10.64 3.37 22.19
N PRO A 278 10.48 2.83 23.42
CA PRO A 278 11.62 2.66 24.34
C PRO A 278 12.85 1.95 23.79
N ASP A 279 14.04 2.28 24.36
CA ASP A 279 15.34 1.69 23.98
C ASP A 279 15.31 0.16 23.90
N SER A 280 14.46 -0.48 24.72
CA SER A 280 14.23 -1.93 24.78
C SER A 280 13.70 -2.57 23.47
N LEU A 281 13.01 -1.81 22.59
CA LEU A 281 12.49 -2.36 21.31
C LEU A 281 13.57 -2.45 20.21
N PHE A 282 14.77 -1.93 20.49
CA PHE A 282 15.91 -1.91 19.56
C PHE A 282 17.11 -2.65 20.19
N PRO A 283 18.01 -3.31 19.39
CA PRO A 283 19.17 -3.98 20.02
C PRO A 283 20.20 -3.00 20.61
N ALA A 284 20.73 -3.32 21.81
CA ALA A 284 21.73 -2.49 22.51
C ALA A 284 23.05 -3.24 22.69
N ASP A 285 23.20 -4.35 21.94
CA ASP A 285 24.37 -5.23 21.99
C ASP A 285 25.68 -4.57 21.50
N SER A 286 25.60 -3.62 20.53
CA SER A 286 26.77 -2.92 19.96
C SER A 286 26.58 -1.40 19.84
N GLU A 287 27.70 -0.68 19.63
CA GLU A 287 27.75 0.76 19.40
C GLU A 287 27.05 1.08 18.09
N HIS A 288 27.22 0.21 17.05
CA HIS A 288 26.55 0.33 15.75
C HIS A 288 25.03 0.37 15.95
N ASN A 289 24.52 -0.57 16.76
CA ASN A 289 23.09 -0.69 17.02
C ASN A 289 22.56 0.43 17.89
N LYS A 290 23.41 0.96 18.82
CA LYS A 290 23.07 2.09 19.69
C LYS A 290 22.81 3.33 18.83
N LEU A 291 23.70 3.58 17.84
CA LEU A 291 23.57 4.68 16.91
C LEU A 291 22.37 4.49 15.99
N LYS A 292 22.20 3.27 15.42
CA LYS A 292 21.09 2.93 14.54
C LYS A 292 19.72 3.13 15.20
N ALA A 293 19.58 2.79 16.51
CA ALA A 293 18.36 2.97 17.31
C ALA A 293 17.97 4.46 17.47
N SER A 294 18.95 5.33 17.82
CA SER A 294 18.68 6.77 17.96
C SER A 294 18.29 7.39 16.61
N GLN A 295 18.87 6.91 15.49
CA GLN A 295 18.57 7.37 14.15
C GLN A 295 17.18 6.90 13.72
N ALA A 296 16.82 5.64 14.01
CA ALA A 296 15.52 5.06 13.73
C ALA A 296 14.44 5.84 14.48
N ARG A 297 14.68 6.10 15.79
CA ARG A 297 13.72 6.87 16.60
C ARG A 297 13.59 8.32 16.08
N ASP A 298 14.71 8.91 15.63
CA ASP A 298 14.71 10.26 15.05
C ASP A 298 13.83 10.37 13.80
N LEU A 299 13.90 9.36 12.89
CA LEU A 299 13.10 9.33 11.66
C LEU A 299 11.59 9.16 11.95
N LEU A 300 11.25 8.27 12.88
CA LEU A 300 9.89 8.00 13.39
C LEU A 300 9.23 9.27 13.94
N SER A 301 10.02 10.07 14.70
CA SER A 301 9.58 11.32 15.33
C SER A 301 9.26 12.40 14.29
N LYS A 302 9.84 12.26 13.08
CA LYS A 302 9.65 13.18 11.96
C LYS A 302 8.53 12.71 11.03
N MET A 303 8.20 11.41 11.06
CA MET A 303 7.18 10.80 10.21
C MET A 303 5.84 10.84 10.93
N LEU A 304 5.83 10.44 12.20
CA LEU A 304 4.61 10.42 12.99
C LEU A 304 4.35 11.79 13.61
N VAL A 305 4.03 12.74 12.73
CA VAL A 305 3.73 14.14 12.98
C VAL A 305 2.34 14.40 12.39
N ILE A 306 1.38 14.83 13.24
CA ILE A 306 -0.02 15.10 12.89
C ILE A 306 -0.14 16.22 11.84
N ASP A 307 0.58 17.34 12.03
CA ASP A 307 0.55 18.47 11.09
C ASP A 307 1.40 18.17 9.86
N PRO A 308 0.80 18.08 8.65
CA PRO A 308 1.59 17.80 7.44
C PRO A 308 2.63 18.86 7.09
N ALA A 309 2.46 20.10 7.56
CA ALA A 309 3.40 21.20 7.35
C ALA A 309 4.66 21.00 8.19
N LYS A 310 4.54 20.24 9.30
CA LYS A 310 5.66 19.93 10.18
C LYS A 310 6.22 18.51 9.97
N ARG A 311 5.52 17.69 9.14
CA ARG A 311 5.91 16.32 8.78
C ARG A 311 7.00 16.35 7.71
N ILE A 312 7.95 15.40 7.81
CA ILE A 312 9.06 15.21 6.88
C ILE A 312 8.56 14.80 5.47
N SER A 313 9.23 15.30 4.42
CA SER A 313 8.93 14.99 3.02
C SER A 313 9.61 13.68 2.65
N VAL A 314 9.21 13.07 1.53
CA VAL A 314 9.78 11.82 1.00
C VAL A 314 11.30 11.99 0.76
N ASP A 315 11.67 13.09 0.07
CA ASP A 315 13.05 13.43 -0.31
C ASP A 315 13.97 13.60 0.90
N ASP A 316 13.47 14.21 1.99
CA ASP A 316 14.21 14.41 3.22
C ASP A 316 14.34 13.08 3.95
N ALA A 317 13.25 12.29 3.97
CA ALA A 317 13.24 10.95 4.56
C ALA A 317 14.30 10.02 3.91
N LEU A 318 14.53 10.20 2.59
CA LEU A 318 15.50 9.43 1.81
C LEU A 318 16.92 9.87 2.09
N GLN A 319 17.11 11.13 2.49
CA GLN A 319 18.41 11.74 2.79
C GLN A 319 18.77 11.58 4.27
N HIS A 320 17.85 11.02 5.07
CA HIS A 320 18.03 10.77 6.51
C HIS A 320 19.12 9.74 6.76
N PRO A 321 20.03 9.98 7.76
CA PRO A 321 21.10 9.02 8.07
C PRO A 321 20.67 7.56 8.22
N TYR A 322 19.46 7.30 8.75
CA TYR A 322 18.96 5.94 8.89
C TYR A 322 18.72 5.23 7.55
N ILE A 323 18.29 6.00 6.51
CA ILE A 323 17.90 5.51 5.18
C ILE A 323 18.99 5.67 4.10
N ASN A 324 19.64 6.88 4.04
CA ASN A 324 20.60 7.33 3.02
C ASN A 324 21.75 6.33 2.69
N VAL A 325 21.99 5.30 3.53
CA VAL A 325 23.06 4.31 3.33
C VAL A 325 22.82 3.44 2.07
N TRP A 326 21.55 3.24 1.69
CA TRP A 326 21.13 2.42 0.56
C TRP A 326 21.18 3.12 -0.79
N TYR A 327 21.39 4.46 -0.80
CA TYR A 327 21.49 5.27 -2.03
C TYR A 327 22.60 4.67 -2.92
N ASP A 328 22.19 4.08 -4.07
CA ASP A 328 23.09 3.40 -5.01
C ASP A 328 23.38 4.21 -6.30
N PRO A 329 24.66 4.58 -6.56
CA PRO A 329 24.97 5.33 -7.80
C PRO A 329 24.94 4.44 -9.04
N ALA A 330 24.63 5.05 -10.22
CA ALA A 330 24.49 4.42 -11.54
C ALA A 330 23.38 3.33 -11.61
N GLU A 331 22.38 3.44 -10.71
CA GLU A 331 21.23 2.54 -10.61
C GLU A 331 20.08 3.06 -11.49
N VAL A 332 19.86 4.39 -11.50
CA VAL A 332 18.81 5.09 -12.27
C VAL A 332 19.07 4.98 -13.80
N GLU A 333 18.03 4.81 -14.66
CA GLU A 333 16.60 4.74 -14.33
C GLU A 333 16.15 3.30 -14.00
N ALA A 334 16.18 2.39 -15.01
CA ALA A 334 15.79 0.97 -14.85
C ALA A 334 16.56 0.05 -15.83
N PRO A 335 17.16 -1.08 -15.34
CA PRO A 335 17.91 -1.98 -16.24
C PRO A 335 17.12 -2.66 -17.37
N PRO A 336 15.87 -3.22 -17.23
CA PRO A 336 15.23 -3.88 -18.38
C PRO A 336 14.92 -3.00 -19.61
N PRO A 337 14.25 -1.80 -19.57
CA PRO A 337 14.02 -1.07 -20.83
C PRO A 337 15.19 -0.18 -21.24
N LEU A 344 -6.91 10.68 -17.18
CA LEU A 344 -8.00 9.75 -17.42
C LEU A 344 -8.13 8.67 -16.32
N ASP A 345 -9.36 8.33 -15.86
CA ASP A 345 -10.69 8.87 -16.18
C ASP A 345 -11.51 8.71 -14.90
N GLU A 346 -11.65 9.80 -14.13
CA GLU A 346 -12.36 9.74 -12.85
C GLU A 346 -13.73 10.43 -12.90
N ARG A 347 -14.68 9.76 -13.61
CA ARG A 347 -16.07 10.19 -13.77
C ARG A 347 -17.05 9.03 -13.59
N GLU A 348 -18.35 9.37 -13.44
CA GLU A 348 -19.46 8.44 -13.21
C GLU A 348 -19.87 7.69 -14.50
N HIS A 349 -19.80 6.35 -14.46
CA HIS A 349 -20.20 5.47 -15.57
C HIS A 349 -21.12 4.37 -15.06
N THR A 350 -21.91 3.78 -15.95
CA THR A 350 -22.80 2.66 -15.60
C THR A 350 -22.05 1.33 -15.75
N ILE A 351 -22.66 0.23 -15.26
CA ILE A 351 -22.16 -1.15 -15.31
C ILE A 351 -21.65 -1.54 -16.70
N GLU A 352 -22.46 -1.26 -17.72
CA GLU A 352 -22.17 -1.59 -19.12
C GLU A 352 -21.04 -0.75 -19.69
N GLU A 353 -20.97 0.52 -19.29
CA GLU A 353 -19.95 1.48 -19.75
C GLU A 353 -18.60 1.07 -19.21
N TRP A 354 -18.53 0.73 -17.89
CA TRP A 354 -17.34 0.24 -17.22
C TRP A 354 -16.92 -1.12 -17.77
N LYS A 355 -17.88 -2.06 -18.00
CA LYS A 355 -17.62 -3.38 -18.56
C LYS A 355 -16.84 -3.26 -19.87
N GLU A 356 -17.23 -2.30 -20.74
CA GLU A 356 -16.59 -2.01 -22.02
C GLU A 356 -15.24 -1.34 -21.86
N LEU A 357 -15.11 -0.35 -20.94
CA LEU A 357 -13.85 0.35 -20.72
C LEU A 357 -12.76 -0.63 -20.29
N ILE A 358 -13.11 -1.51 -19.33
CA ILE A 358 -12.24 -2.53 -18.74
C ILE A 358 -11.89 -3.58 -19.79
N TYR A 359 -12.88 -4.08 -20.54
CA TYR A 359 -12.67 -5.08 -21.59
C TYR A 359 -11.69 -4.62 -22.66
N LYS A 360 -11.84 -3.38 -23.15
CA LYS A 360 -10.93 -2.85 -24.17
C LYS A 360 -9.53 -2.60 -23.60
N GLU A 361 -9.43 -2.41 -22.28
CA GLU A 361 -8.14 -2.26 -21.61
C GLU A 361 -7.47 -3.64 -21.47
N VAL A 362 -8.29 -4.70 -21.29
CA VAL A 362 -7.81 -6.07 -21.20
C VAL A 362 -7.33 -6.52 -22.61
N MET A 363 -7.99 -6.04 -23.67
CA MET A 363 -7.66 -6.36 -25.06
C MET A 363 -6.55 -5.47 -25.64
N ASN A 364 -6.36 -4.25 -25.09
CA ASN A 364 -5.40 -3.20 -25.48
C ASN A 364 -5.42 -2.91 -26.98
C01 3HQ B . -1.05 -8.48 -10.80
C02 3HQ B . -1.25 -8.80 -9.33
C03 3HQ B . -1.20 -10.12 -8.93
C04 3HQ B . -1.40 -10.41 -7.58
C05 3HQ B . -1.59 -9.40 -6.68
N06 3HQ B . -1.79 -9.73 -5.32
C07 3HQ B . -0.77 -10.44 -4.58
O08 3HQ B . -1.00 -10.72 -3.40
N09 3HQ B . 0.45 -10.82 -5.22
C10 3HQ B . 1.42 -11.58 -4.58
C11 3HQ B . 2.64 -11.93 -5.07
N12 3HQ B . 3.19 -12.72 -4.16
N13 3HQ B . 2.38 -12.85 -3.09
C14 3HQ B . 1.28 -12.21 -3.36
C15 3HQ B . 2.58 -13.60 -2.00
C16 3HQ B . 2.19 -13.15 -0.73
C17 3HQ B . 2.33 -13.98 0.38
C18 3HQ B . 2.90 -15.24 0.25
C19 3HQ B . 3.29 -15.71 -0.99
C20 3HQ B . 3.12 -14.87 -2.11
C21 3HQ B . 3.90 -17.04 -1.17
O22 3HQ B . 3.66 -17.96 -0.43
N23 3HQ B . 4.79 -17.20 -2.27
C24 3HQ B . 5.50 -18.39 -2.67
C25 3HQ B . 4.85 -19.63 -2.82
C26 3HQ B . 5.57 -20.73 -3.29
N27 3HQ B . 6.87 -20.59 -3.65
C28 3HQ B . 7.50 -19.39 -3.57
C29 3HQ B . 8.97 -19.28 -3.98
C30 3HQ B . 6.82 -18.27 -3.08
C31 3HQ B . -1.68 -8.05 -7.08
C32 3HQ B . -1.50 -7.77 -8.41
#